data_8EA5
#
_entry.id   8EA5
#
_cell.length_a   89.107
_cell.length_b   43.671
_cell.length_c   77.766
_cell.angle_alpha   90.00
_cell.angle_beta   115.75
_cell.angle_gamma   90.00
#
_symmetry.space_group_name_H-M   'C 1 2 1'
#
loop_
_entity.id
_entity.type
_entity.pdbx_description
1 polymer 'NKG2-D type II integral membrane protein'
2 non-polymer (3S,5aS,8aR)-3-benzyl-6-[(3,5-dichlorophenyl)methyl]-1,4-dimethyloctahydropyrrolo[3,2-e][1,4]diazepine-2,5-dione
3 non-polymer 'TRIETHYLENE GLYCOL'
4 water water
#
_entity_poly.entity_id   1
_entity_poly.type   'polypeptide(L)'
_entity_poly.pdbx_seq_one_letter_code
;MGPLTESYCGPCPKNWICYKNNCYQFFDEEKNWYESQASCMSQNASLLKVYSKEDQDLLKLVKSYHWMGLVHIPTNGSWQ
WEDGSSLSPNLLTIIEMQKGDCALYASSFKGYIENCSTPNTYICMQRTV
;
_entity_poly.pdbx_strand_id   A,B
#
loop_
_chem_comp.id
_chem_comp.type
_chem_comp.name
_chem_comp.formula
PGE non-polymer 'TRIETHYLENE GLYCOL' 'C6 H14 O4'
VN8 non-polymer (3S,5aS,8aR)-3-benzyl-6-[(3,5-dichlorophenyl)methyl]-1,4-dimethyloctahydropyrrolo[3,2-e][1,4]diazepine-2,5-dione 'C23 H25 Cl2 N3 O2'
#
# COMPACT_ATOMS: atom_id res chain seq x y z
N THR A 5 -23.69 4.58 -1.87
CA THR A 5 -22.86 4.86 -0.71
C THR A 5 -22.08 3.62 -0.27
N GLU A 6 -22.55 2.43 -0.66
CA GLU A 6 -21.74 1.23 -0.44
C GLU A 6 -20.36 1.34 -1.11
N SER A 7 -20.25 2.22 -2.11
CA SER A 7 -19.03 2.46 -2.87
C SER A 7 -18.06 3.40 -2.17
N TYR A 8 -18.44 3.99 -1.04
CA TYR A 8 -17.56 4.86 -0.29
C TYR A 8 -16.99 4.14 0.92
N CYS A 9 -15.84 4.62 1.36
CA CYS A 9 -15.05 4.00 2.39
C CYS A 9 -14.70 5.06 3.42
N GLY A 10 -14.84 4.75 4.71
CA GLY A 10 -14.47 5.71 5.73
C GLY A 10 -15.43 5.60 6.88
N PRO A 11 -15.43 6.62 7.73
CA PRO A 11 -14.57 7.82 7.66
C PRO A 11 -13.09 7.59 7.87
N CYS A 12 -12.25 8.37 7.21
CA CYS A 12 -10.81 8.30 7.47
C CYS A 12 -10.25 9.70 7.43
N PRO A 13 -9.06 9.92 7.99
CA PRO A 13 -8.35 11.18 7.73
C PRO A 13 -8.05 11.25 6.24
N LYS A 14 -7.96 12.48 5.72
CA LYS A 14 -7.97 12.63 4.27
C LYS A 14 -6.72 12.05 3.63
N ASN A 15 -5.62 11.99 4.40
CA ASN A 15 -4.34 11.52 3.89
C ASN A 15 -4.02 10.09 4.33
N TRP A 16 -5.04 9.30 4.65
CA TRP A 16 -4.89 7.89 4.98
C TRP A 16 -5.53 7.03 3.89
N ILE A 17 -5.04 5.78 3.82
CA ILE A 17 -5.58 4.77 2.93
C ILE A 17 -6.84 4.22 3.55
N CYS A 18 -7.86 3.97 2.73
CA CYS A 18 -9.08 3.34 3.22
C CYS A 18 -9.32 2.01 2.52
N TYR A 19 -9.67 0.98 3.29
CA TYR A 19 -10.03 -0.31 2.71
C TYR A 19 -11.06 -0.99 3.60
N LYS A 20 -12.24 -1.26 3.05
CA LYS A 20 -13.34 -1.88 3.80
C LYS A 20 -13.54 -1.18 5.17
N ASN A 21 -13.48 0.15 5.14
CA ASN A 21 -13.81 1.10 6.20
C ASN A 21 -12.75 1.17 7.30
N ASN A 22 -11.65 0.45 7.15
CA ASN A 22 -10.48 0.63 8.01
C ASN A 22 -9.55 1.63 7.34
N CYS A 23 -8.85 2.41 8.17
CA CYS A 23 -7.93 3.43 7.70
C CYS A 23 -6.51 2.98 8.05
N TYR A 24 -5.59 3.09 7.09
CA TYR A 24 -4.22 2.65 7.32
C TYR A 24 -3.25 3.75 6.92
N GLN A 25 -2.08 3.77 7.56
CA GLN A 25 -1.01 4.65 7.12
C GLN A 25 0.31 3.92 7.37
N PHE A 26 1.21 4.07 6.42
CA PHE A 26 2.54 3.47 6.45
C PHE A 26 3.57 4.53 6.82
N PHE A 27 4.44 4.20 7.76
CA PHE A 27 5.52 5.08 8.19
C PHE A 27 6.86 4.44 7.91
N ASP A 28 7.67 5.09 7.08
CA ASP A 28 8.91 4.44 6.66
C ASP A 28 10.14 4.96 7.41
N GLU A 29 9.95 5.79 8.43
CA GLU A 29 11.05 6.18 9.29
C GLU A 29 11.11 5.23 10.48
N GLU A 30 12.22 4.51 10.62
CA GLU A 30 12.26 3.36 11.52
C GLU A 30 12.23 3.78 13.00
N LYS A 31 11.40 3.08 13.79
CA LYS A 31 11.27 3.38 15.20
C LYS A 31 11.13 2.08 15.96
N ASN A 32 11.53 2.10 17.23
CA ASN A 32 11.29 0.91 18.02
C ASN A 32 9.79 0.77 18.29
N TRP A 33 9.40 -0.36 18.87
CA TRP A 33 7.97 -0.59 19.03
C TRP A 33 7.30 0.49 19.86
N TYR A 34 7.95 0.92 20.95
CA TYR A 34 7.28 1.88 21.82
C TYR A 34 7.09 3.21 21.13
N GLU A 35 8.11 3.66 20.39
CA GLU A 35 8.01 4.91 19.67
C GLU A 35 7.04 4.80 18.51
N SER A 36 6.98 3.62 17.86
CA SER A 36 5.96 3.40 16.82
C SER A 36 4.55 3.50 17.40
N GLN A 37 4.32 2.86 18.56
CA GLN A 37 3.01 2.94 19.21
C GLN A 37 2.63 4.40 19.50
N ALA A 38 3.57 5.17 20.06
CA ALA A 38 3.30 6.56 20.39
C ALA A 38 3.03 7.35 19.12
N SER A 39 3.72 7.02 18.04
CA SER A 39 3.49 7.74 16.78
C SER A 39 2.07 7.53 16.28
N CYS A 40 1.61 6.29 16.28
CA CYS A 40 0.21 6.04 15.91
C CYS A 40 -0.75 6.78 16.84
N MET A 41 -0.51 6.74 18.16
CA MET A 41 -1.44 7.41 19.07
C MET A 41 -1.46 8.92 18.81
N SER A 42 -0.30 9.49 18.43
CA SER A 42 -0.28 10.93 18.17
C SER A 42 -1.19 11.32 17.00
N GLN A 43 -1.57 10.35 16.17
CA GLN A 43 -2.51 10.58 15.08
C GLN A 43 -3.88 9.97 15.38
N ASN A 44 -4.24 9.80 16.66
CA ASN A 44 -5.54 9.25 17.03
C ASN A 44 -5.76 7.86 16.44
N ALA A 45 -4.69 7.05 16.43
CA ALA A 45 -4.72 5.75 15.82
C ALA A 45 -4.01 4.74 16.74
N SER A 46 -3.99 3.49 16.31
CA SER A 46 -3.19 2.46 16.95
C SER A 46 -2.27 1.82 15.93
N LEU A 47 -1.39 0.93 16.39
CA LEU A 47 -0.69 0.09 15.42
C LEU A 47 -1.67 -0.88 14.76
N LEU A 48 -1.28 -1.39 13.61
CA LEU A 48 -2.07 -2.39 12.88
C LEU A 48 -2.60 -3.47 13.84
N LYS A 49 -3.91 -3.74 13.78
CA LYS A 49 -4.54 -4.87 14.45
C LYS A 49 -5.08 -5.80 13.35
N VAL A 50 -4.72 -7.08 13.39
CA VAL A 50 -5.17 -8.04 12.38
C VAL A 50 -6.31 -8.84 12.98
N TYR A 51 -7.52 -8.68 12.42
CA TYR A 51 -8.67 -9.38 12.95
C TYR A 51 -9.41 -10.19 11.91
N SER A 52 -9.08 -10.05 10.64
CA SER A 52 -9.82 -10.83 9.66
C SER A 52 -9.02 -10.95 8.37
N LYS A 53 -8.84 -12.20 7.87
CA LYS A 53 -8.13 -12.42 6.62
C LYS A 53 -8.91 -11.90 5.42
N GLU A 54 -10.23 -11.85 5.52
CA GLU A 54 -11.11 -11.41 4.44
C GLU A 54 -11.30 -9.90 4.48
N ASP A 55 -11.61 -9.37 5.67
CA ASP A 55 -11.83 -7.93 5.78
C ASP A 55 -10.53 -7.15 5.60
N GLN A 56 -9.37 -7.81 5.77
CA GLN A 56 -8.08 -7.19 5.64
C GLN A 56 -7.23 -7.91 4.62
N ASP A 57 -7.89 -8.40 3.57
CA ASP A 57 -7.16 -9.21 2.60
C ASP A 57 -6.13 -8.38 1.87
N LEU A 58 -6.23 -7.06 1.95
CA LEU A 58 -5.17 -6.24 1.39
C LEU A 58 -3.81 -6.52 2.07
N LEU A 59 -3.84 -7.09 3.27
CA LEU A 59 -2.53 -7.32 3.92
C LEU A 59 -1.70 -8.38 3.23
N LYS A 60 -2.27 -9.12 2.27
CA LYS A 60 -1.43 -10.03 1.49
C LYS A 60 -0.46 -9.28 0.58
N LEU A 61 -0.74 -8.01 0.29
CA LEU A 61 0.11 -7.23 -0.60
C LEU A 61 1.27 -6.51 0.11
N VAL A 62 1.36 -6.57 1.44
CA VAL A 62 2.31 -5.74 2.16
C VAL A 62 3.72 -6.19 1.84
N LYS A 63 4.60 -5.23 1.53
CA LYS A 63 5.99 -5.55 1.26
C LYS A 63 6.83 -5.09 2.45
N SER A 64 7.93 -5.80 2.72
CA SER A 64 8.78 -5.61 3.90
C SER A 64 8.05 -5.97 5.19
N TYR A 65 8.71 -5.74 6.31
CA TYR A 65 8.21 -6.07 7.64
C TYR A 65 7.87 -4.79 8.40
N HIS A 66 6.84 -4.82 9.27
CA HIS A 66 6.35 -3.59 9.88
C HIS A 66 5.82 -3.87 11.26
N TRP A 67 6.10 -2.98 12.25
CA TRP A 67 5.50 -3.18 13.57
C TRP A 67 3.97 -3.19 13.48
N MET A 68 3.35 -4.15 14.18
CA MET A 68 1.89 -4.12 14.41
C MET A 68 1.66 -4.14 15.92
N GLY A 69 0.41 -4.16 16.35
CA GLY A 69 0.11 -3.87 17.76
C GLY A 69 0.04 -5.07 18.71
N LEU A 70 0.71 -6.17 18.38
CA LEU A 70 0.60 -7.41 19.12
C LEU A 70 1.82 -7.52 20.03
N VAL A 71 1.60 -7.78 21.29
CA VAL A 71 2.66 -7.81 22.27
C VAL A 71 2.35 -8.93 23.25
N HIS A 72 3.40 -9.58 23.70
CA HIS A 72 3.25 -10.66 24.67
C HIS A 72 3.58 -10.08 26.02
N ILE A 73 2.68 -10.26 26.98
CA ILE A 73 2.86 -9.79 28.35
C ILE A 73 3.35 -10.91 29.27
N TRP A 79 -0.44 -13.32 24.40
CA TRP A 79 -0.33 -12.41 23.27
C TRP A 79 -1.59 -11.52 23.22
N GLN A 80 -1.42 -10.20 23.23
CA GLN A 80 -2.58 -9.31 23.26
C GLN A 80 -2.33 -8.19 22.27
N TRP A 81 -3.42 -7.68 21.68
CA TRP A 81 -3.35 -6.47 20.92
C TRP A 81 -3.37 -5.29 21.89
N GLU A 82 -3.05 -4.11 21.38
CA GLU A 82 -3.01 -2.94 22.25
C GLU A 82 -4.34 -2.67 22.90
N ASP A 83 -5.46 -2.98 22.24
CA ASP A 83 -6.79 -2.77 22.84
C ASP A 83 -7.16 -3.82 23.88
N GLY A 84 -6.28 -4.78 24.14
CA GLY A 84 -6.45 -5.73 25.21
C GLY A 84 -7.05 -7.03 24.77
N SER A 85 -7.54 -7.11 23.54
CA SER A 85 -8.07 -8.35 23.01
C SER A 85 -6.91 -9.31 22.74
N SER A 86 -7.23 -10.60 22.77
CA SER A 86 -6.22 -11.61 22.46
C SER A 86 -6.20 -11.86 20.95
N LEU A 87 -5.10 -12.46 20.47
CA LEU A 87 -5.02 -12.83 19.07
C LEU A 87 -6.05 -13.92 18.76
N SER A 88 -6.82 -13.75 17.70
CA SER A 88 -7.76 -14.82 17.37
C SER A 88 -7.07 -15.93 16.57
N PRO A 89 -7.57 -17.16 16.66
CA PRO A 89 -6.98 -18.26 15.90
C PRO A 89 -7.19 -18.03 14.41
N ASN A 90 -6.37 -18.74 13.63
CA ASN A 90 -6.52 -18.85 12.17
C ASN A 90 -6.37 -17.51 11.49
N LEU A 91 -5.58 -16.61 12.06
CA LEU A 91 -5.29 -15.31 11.46
C LEU A 91 -3.84 -15.17 11.05
N LEU A 92 -2.90 -15.50 11.96
CA LEU A 92 -1.49 -15.27 11.73
C LEU A 92 -0.68 -16.52 12.02
N THR A 93 0.35 -16.74 11.21
CA THR A 93 1.37 -17.74 11.51
C THR A 93 2.41 -17.04 12.36
N ILE A 94 2.48 -17.38 13.65
CA ILE A 94 3.44 -16.73 14.56
C ILE A 94 4.78 -17.46 14.46
N ILE A 95 5.86 -16.71 14.23
CA ILE A 95 7.21 -17.24 14.03
C ILE A 95 8.16 -16.55 15.00
N GLU A 96 9.03 -17.31 15.64
CA GLU A 96 9.94 -16.79 16.67
C GLU A 96 11.37 -17.15 16.31
N MET A 97 12.01 -16.33 15.46
CA MET A 97 13.40 -16.59 15.07
C MET A 97 14.37 -15.98 16.08
N GLN A 98 13.91 -14.91 16.72
CA GLN A 98 14.56 -14.13 17.75
C GLN A 98 13.79 -14.33 19.06
N LYS A 99 14.47 -14.25 20.20
CA LYS A 99 13.69 -13.94 21.40
C LYS A 99 13.19 -12.49 21.33
N GLY A 100 11.92 -12.28 21.65
CA GLY A 100 11.37 -10.94 21.63
C GLY A 100 9.96 -10.93 22.20
N ASP A 101 9.44 -9.71 22.39
CA ASP A 101 8.13 -9.52 22.99
C ASP A 101 7.19 -8.63 22.15
N CYS A 102 7.58 -8.24 20.93
CA CYS A 102 6.75 -7.43 20.03
C CYS A 102 6.69 -8.14 18.69
N ALA A 103 5.63 -7.90 17.93
CA ALA A 103 5.46 -8.61 16.66
C ALA A 103 5.52 -7.68 15.46
N LEU A 104 6.24 -8.13 14.43
CA LEU A 104 6.21 -7.50 13.12
C LEU A 104 5.26 -8.26 12.22
N TYR A 105 4.50 -7.50 11.44
CA TYR A 105 3.69 -8.10 10.37
C TYR A 105 4.57 -8.34 9.15
N ALA A 106 4.35 -9.49 8.51
CA ALA A 106 4.95 -9.80 7.22
C ALA A 106 3.92 -10.52 6.36
N SER A 107 3.89 -10.24 5.05
CA SER A 107 3.00 -11.03 4.21
C SER A 107 3.55 -12.45 4.08
N SER A 108 2.65 -13.45 3.98
CA SER A 108 1.21 -13.30 3.98
C SER A 108 0.67 -13.80 5.32
N PHE A 109 0.15 -12.87 6.12
CA PHE A 109 -0.43 -13.19 7.43
C PHE A 109 0.54 -13.96 8.33
N LYS A 110 1.75 -13.42 8.42
CA LYS A 110 2.75 -13.85 9.36
C LYS A 110 3.00 -12.79 10.43
N GLY A 111 3.33 -13.26 11.62
CA GLY A 111 3.79 -12.35 12.64
C GLY A 111 5.13 -12.83 13.19
N TYR A 112 6.17 -12.05 12.99
CA TYR A 112 7.50 -12.38 13.48
C TYR A 112 7.72 -11.71 14.84
N ILE A 113 7.98 -12.51 15.86
CA ILE A 113 8.25 -12.02 17.21
C ILE A 113 9.68 -11.48 17.25
N GLU A 114 9.84 -10.18 17.57
CA GLU A 114 11.19 -9.59 17.57
C GLU A 114 11.39 -8.71 18.80
N ASN A 115 12.67 -8.38 19.05
CA ASN A 115 13.02 -7.46 20.14
C ASN A 115 12.31 -6.10 20.00
N CYS A 116 11.56 -5.70 21.03
CA CYS A 116 10.83 -4.43 20.97
C CYS A 116 11.73 -3.25 20.70
N SER A 117 13.00 -3.32 21.11
CA SER A 117 13.85 -2.17 20.93
C SER A 117 14.40 -2.04 19.52
N THR A 118 14.07 -2.94 18.60
CA THR A 118 14.78 -2.79 17.34
C THR A 118 14.00 -1.85 16.44
N PRO A 119 14.64 -0.85 15.82
CA PRO A 119 13.91 0.06 14.93
C PRO A 119 13.39 -0.66 13.68
N ASN A 120 12.12 -0.41 13.38
CA ASN A 120 11.45 -0.99 12.21
C ASN A 120 10.45 0.04 11.68
N THR A 121 10.07 -0.09 10.40
CA THR A 121 8.92 0.64 9.88
C THR A 121 7.67 0.10 10.56
N TYR A 122 6.55 0.83 10.43
CA TYR A 122 5.35 0.46 11.19
C TYR A 122 4.11 0.88 10.40
N ILE A 123 2.99 0.23 10.70
CA ILE A 123 1.70 0.50 10.09
C ILE A 123 0.74 0.94 11.19
N CYS A 124 0.11 2.10 10.98
CA CYS A 124 -0.95 2.61 11.85
C CYS A 124 -2.33 2.34 11.24
N MET A 125 -3.34 2.24 12.13
CA MET A 125 -4.69 1.86 11.75
C MET A 125 -5.67 2.65 12.60
N GLN A 126 -6.77 3.04 11.99
CA GLN A 126 -7.86 3.78 12.63
C GLN A 126 -9.16 3.22 12.10
N ARG A 127 -10.17 3.17 12.96
CA ARG A 127 -11.48 2.68 12.55
C ARG A 127 -12.52 3.40 13.39
N THR A 128 -13.44 4.11 12.73
CA THR A 128 -14.53 4.79 13.44
C THR A 128 -15.76 3.90 13.57
N THR B 5 -10.43 17.47 8.23
CA THR B 5 -9.97 16.39 9.09
C THR B 5 -10.26 15.06 8.43
N GLU B 6 -11.41 14.48 8.78
CA GLU B 6 -11.85 13.20 8.23
C GLU B 6 -12.56 13.41 6.89
N SER B 7 -12.88 12.29 6.24
CA SER B 7 -13.59 12.33 4.97
C SER B 7 -13.95 10.89 4.62
N TYR B 8 -14.73 10.74 3.57
CA TYR B 8 -14.92 9.45 2.97
C TYR B 8 -14.09 9.41 1.69
N CYS B 9 -13.91 8.20 1.18
CA CYS B 9 -13.04 7.98 0.05
C CYS B 9 -13.85 7.17 -0.96
N GLY B 10 -13.95 7.64 -2.19
CA GLY B 10 -14.69 6.86 -3.16
C GLY B 10 -15.22 7.75 -4.27
N PRO B 11 -16.12 7.20 -5.11
CA PRO B 11 -16.54 5.81 -5.03
C PRO B 11 -15.53 4.82 -5.65
N CYS B 12 -15.39 3.62 -5.05
CA CYS B 12 -14.48 2.55 -5.49
C CYS B 12 -15.19 1.22 -5.37
N PRO B 13 -14.83 0.25 -6.21
CA PRO B 13 -15.20 -1.15 -5.92
C PRO B 13 -14.68 -1.55 -4.55
N LYS B 14 -15.39 -2.50 -3.87
CA LYS B 14 -15.13 -2.72 -2.44
C LYS B 14 -13.78 -3.40 -2.17
N ASN B 15 -13.28 -4.18 -3.13
CA ASN B 15 -12.01 -4.85 -3.02
C ASN B 15 -10.85 -4.03 -3.60
N TRP B 16 -11.05 -2.73 -3.81
CA TRP B 16 -9.99 -1.83 -4.24
C TRP B 16 -9.60 -0.93 -3.08
N ILE B 17 -8.38 -0.50 -3.07
CA ILE B 17 -7.85 0.37 -2.02
C ILE B 17 -8.17 1.80 -2.42
N CYS B 18 -8.66 2.62 -1.49
CA CYS B 18 -9.04 3.98 -1.83
C CYS B 18 -8.06 4.95 -1.19
N TYR B 19 -7.61 5.95 -1.96
CA TYR B 19 -6.70 6.97 -1.40
C TYR B 19 -7.01 8.27 -2.12
N LYS B 20 -7.47 9.27 -1.38
CA LYS B 20 -7.76 10.59 -1.95
C LYS B 20 -8.66 10.45 -3.19
N ASN B 21 -9.66 9.58 -3.06
CA ASN B 21 -10.72 9.32 -4.03
C ASN B 21 -10.26 8.67 -5.32
N ASN B 22 -9.01 8.25 -5.41
CA ASN B 22 -8.58 7.32 -6.44
C ASN B 22 -8.61 5.90 -5.90
N CYS B 23 -8.86 4.94 -6.79
CA CYS B 23 -8.98 3.52 -6.46
C CYS B 23 -7.79 2.79 -7.04
N TYR B 24 -7.09 2.04 -6.19
CA TYR B 24 -5.87 1.35 -6.63
C TYR B 24 -5.95 -0.14 -6.34
N GLN B 25 -5.29 -0.93 -7.21
CA GLN B 25 -5.06 -2.32 -6.86
C GLN B 25 -3.66 -2.69 -7.33
N PHE B 26 -3.01 -3.48 -6.50
CA PHE B 26 -1.65 -3.95 -6.77
C PHE B 26 -1.67 -5.40 -7.21
N PHE B 27 -0.94 -5.69 -8.29
CA PHE B 27 -0.83 -7.06 -8.78
C PHE B 27 0.60 -7.55 -8.67
N ASP B 28 0.77 -8.66 -7.95
CA ASP B 28 2.05 -9.32 -7.66
C ASP B 28 2.50 -10.28 -8.74
N GLU B 29 1.61 -10.63 -9.68
CA GLU B 29 1.99 -11.40 -10.87
C GLU B 29 2.91 -10.56 -11.76
N GLU B 30 4.00 -11.12 -12.26
CA GLU B 30 4.85 -10.36 -13.20
C GLU B 30 4.35 -10.63 -14.61
N LYS B 31 3.98 -9.57 -15.34
CA LYS B 31 3.47 -9.66 -16.71
C LYS B 31 4.12 -8.58 -17.55
N ASN B 32 4.08 -8.74 -18.88
CA ASN B 32 4.64 -7.66 -19.71
C ASN B 32 3.66 -6.47 -19.73
N TRP B 33 4.08 -5.39 -20.37
CA TRP B 33 3.31 -4.16 -20.21
C TRP B 33 1.90 -4.33 -20.78
N TYR B 34 1.78 -4.97 -21.95
CA TYR B 34 0.49 -5.14 -22.62
C TYR B 34 -0.43 -6.06 -21.82
N GLU B 35 0.12 -7.14 -21.25
CA GLU B 35 -0.72 -8.02 -20.45
C GLU B 35 -1.25 -7.27 -19.25
N SER B 36 -0.40 -6.43 -18.68
CA SER B 36 -0.78 -5.65 -17.50
C SER B 36 -1.87 -4.64 -17.87
N GLN B 37 -1.70 -3.94 -19.00
CA GLN B 37 -2.71 -3.02 -19.50
C GLN B 37 -4.04 -3.74 -19.69
N ALA B 38 -4.00 -4.90 -20.30
CA ALA B 38 -5.23 -5.65 -20.53
C ALA B 38 -5.85 -6.10 -19.22
N SER B 39 -5.01 -6.44 -18.24
CA SER B 39 -5.53 -6.84 -16.93
C SER B 39 -6.32 -5.70 -16.29
N CYS B 40 -5.75 -4.50 -16.28
CA CYS B 40 -6.47 -3.35 -15.69
C CYS B 40 -7.75 -3.06 -16.48
N MET B 41 -7.67 -3.05 -17.81
CA MET B 41 -8.85 -2.74 -18.60
C MET B 41 -9.99 -3.73 -18.32
N SER B 42 -9.64 -5.00 -18.10
CA SER B 42 -10.68 -5.98 -17.84
C SER B 42 -11.43 -5.72 -16.54
N GLN B 43 -10.94 -4.80 -15.71
CA GLN B 43 -11.54 -4.40 -14.45
C GLN B 43 -12.04 -2.96 -14.48
N ASN B 44 -12.36 -2.46 -15.68
CA ASN B 44 -12.81 -1.09 -15.87
C ASN B 44 -11.81 -0.08 -15.32
N ALA B 45 -10.52 -0.36 -15.52
CA ALA B 45 -9.48 0.44 -14.93
C ALA B 45 -8.36 0.62 -15.96
N SER B 46 -7.37 1.43 -15.63
CA SER B 46 -6.17 1.54 -16.46
C SER B 46 -4.93 1.31 -15.60
N LEU B 47 -3.77 1.21 -16.24
CA LEU B 47 -2.55 1.24 -15.44
C LEU B 47 -2.42 2.60 -14.76
N LEU B 48 -1.67 2.60 -13.66
CA LEU B 48 -1.35 3.81 -12.91
C LEU B 48 -1.07 4.99 -13.84
N LYS B 49 -1.77 6.09 -13.60
CA LYS B 49 -1.45 7.39 -14.23
C LYS B 49 -0.99 8.33 -13.09
N VAL B 50 0.17 8.96 -13.25
CA VAL B 50 0.71 9.90 -12.25
C VAL B 50 0.32 11.29 -12.75
N TYR B 51 -0.53 11.97 -11.99
CA TYR B 51 -1.03 13.29 -12.37
C TYR B 51 -0.90 14.35 -11.29
N SER B 52 -0.60 13.95 -10.04
CA SER B 52 -0.50 14.95 -8.96
C SER B 52 0.39 14.44 -7.84
N LYS B 53 1.45 15.18 -7.53
CA LYS B 53 2.28 14.84 -6.39
C LYS B 53 1.52 15.00 -5.10
N GLU B 54 0.55 15.92 -5.07
CA GLU B 54 -0.21 16.16 -3.86
C GLU B 54 -1.29 15.10 -3.65
N ASP B 55 -2.05 14.78 -4.69
CA ASP B 55 -3.13 13.84 -4.51
C ASP B 55 -2.67 12.40 -4.61
N GLN B 56 -1.44 12.15 -5.06
CA GLN B 56 -0.84 10.82 -5.09
C GLN B 56 0.45 10.78 -4.29
N ASP B 57 0.51 11.53 -3.18
CA ASP B 57 1.75 11.62 -2.40
C ASP B 57 2.20 10.26 -1.83
N LEU B 58 1.28 9.30 -1.67
CA LEU B 58 1.69 8.02 -1.11
C LEU B 58 2.55 7.24 -2.10
N LEU B 59 2.62 7.69 -3.36
CA LEU B 59 3.52 7.05 -4.31
C LEU B 59 4.97 7.18 -3.88
N LYS B 60 5.27 8.05 -2.93
CA LYS B 60 6.64 8.18 -2.41
C LYS B 60 7.06 6.96 -1.58
N LEU B 61 6.12 6.11 -1.19
CA LEU B 61 6.41 4.97 -0.34
C LEU B 61 6.43 3.66 -1.10
N VAL B 62 6.24 3.71 -2.42
CA VAL B 62 6.17 2.49 -3.20
C VAL B 62 7.45 1.72 -3.03
N LYS B 63 7.31 0.43 -2.77
CA LYS B 63 8.43 -0.50 -2.70
C LYS B 63 8.48 -1.20 -4.05
N SER B 64 9.70 -1.30 -4.61
CA SER B 64 9.90 -1.97 -5.88
C SER B 64 9.39 -1.16 -7.07
N TYR B 65 9.38 -1.83 -8.22
CA TYR B 65 9.11 -1.28 -9.54
C TYR B 65 7.80 -1.86 -10.06
N HIS B 66 6.95 -1.02 -10.64
CA HIS B 66 5.66 -1.49 -11.14
C HIS B 66 5.33 -0.84 -12.48
N TRP B 67 4.72 -1.58 -13.40
CA TRP B 67 4.28 -0.96 -14.63
C TRP B 67 3.27 0.18 -14.35
N MET B 68 3.48 1.30 -15.01
CA MET B 68 2.45 2.34 -15.04
C MET B 68 2.06 2.54 -16.51
N GLY B 69 1.09 3.43 -16.75
CA GLY B 69 0.53 3.54 -18.10
C GLY B 69 1.27 4.45 -19.06
N LEU B 70 2.58 4.64 -18.88
CA LEU B 70 3.34 5.61 -19.64
C LEU B 70 4.13 4.90 -20.72
N VAL B 71 3.95 5.34 -21.96
CA VAL B 71 4.49 4.68 -23.14
C VAL B 71 5.10 5.72 -24.07
N HIS B 72 6.08 5.29 -24.86
CA HIS B 72 6.77 6.17 -25.83
C HIS B 72 6.24 5.97 -27.26
N TRP B 79 6.74 10.85 -24.59
CA TRP B 79 6.06 10.01 -23.57
C TRP B 79 4.61 10.46 -23.35
N GLN B 80 3.65 9.54 -23.29
CA GLN B 80 2.28 9.93 -22.97
C GLN B 80 1.59 8.78 -22.26
N TRP B 81 0.42 9.08 -21.69
CA TRP B 81 -0.32 8.06 -20.98
C TRP B 81 -1.18 7.24 -21.96
N GLU B 82 -1.70 6.12 -21.43
CA GLU B 82 -2.64 5.25 -22.16
C GLU B 82 -3.77 6.04 -22.77
N ASP B 83 -4.36 6.93 -21.99
CA ASP B 83 -5.54 7.59 -22.49
C ASP B 83 -5.22 8.55 -23.62
N GLY B 84 -3.94 8.69 -24.00
CA GLY B 84 -3.51 9.71 -24.92
C GLY B 84 -3.20 11.06 -24.30
N SER B 85 -3.38 11.21 -22.98
CA SER B 85 -3.01 12.46 -22.32
C SER B 85 -1.50 12.57 -22.19
N SER B 86 -0.98 13.79 -22.26
CA SER B 86 0.47 13.84 -22.19
C SER B 86 0.96 13.82 -20.75
N LEU B 87 2.25 13.50 -20.60
CA LEU B 87 2.88 13.54 -19.30
C LEU B 87 3.06 14.99 -18.87
N SER B 88 2.56 15.35 -17.69
CA SER B 88 2.82 16.70 -17.21
C SER B 88 4.27 16.85 -16.78
N PRO B 89 4.84 18.04 -16.93
CA PRO B 89 6.32 18.17 -16.92
C PRO B 89 6.98 17.88 -15.57
N ASN B 90 6.42 18.38 -14.47
CA ASN B 90 7.12 18.40 -13.18
C ASN B 90 6.68 17.27 -12.27
N LEU B 91 6.38 16.12 -12.84
CA LEU B 91 5.84 15.03 -12.05
C LEU B 91 6.80 13.88 -11.89
N LEU B 92 7.49 13.47 -12.95
CA LEU B 92 8.33 12.29 -12.89
C LEU B 92 9.72 12.64 -13.36
N THR B 93 10.72 12.04 -12.71
CA THR B 93 12.09 12.07 -13.23
C THR B 93 12.26 10.78 -14.00
N ILE B 94 12.53 10.87 -15.30
CA ILE B 94 12.60 9.70 -16.18
C ILE B 94 14.06 9.26 -16.30
N ILE B 95 14.32 8.00 -15.93
CA ILE B 95 15.66 7.42 -15.82
C ILE B 95 15.70 6.21 -16.73
N GLU B 96 16.74 6.11 -17.56
CA GLU B 96 16.87 4.97 -18.44
C GLU B 96 17.42 3.78 -17.66
N MET B 97 16.67 2.68 -17.64
CA MET B 97 17.14 1.45 -17.02
C MET B 97 17.54 0.41 -18.05
N GLN B 98 16.59 0.03 -18.89
CA GLN B 98 16.83 -0.74 -20.09
C GLN B 98 16.27 0.03 -21.27
N LYS B 99 16.86 -0.18 -22.44
CA LYS B 99 16.29 0.41 -23.64
C LYS B 99 14.89 -0.15 -23.85
N GLY B 100 13.94 0.72 -24.15
CA GLY B 100 12.56 0.26 -24.21
C GLY B 100 11.62 1.42 -24.41
N ASP B 101 10.35 1.05 -24.62
CA ASP B 101 9.28 2.00 -24.93
C ASP B 101 8.21 2.06 -23.84
N CYS B 102 8.44 1.46 -22.68
CA CYS B 102 7.47 1.49 -21.59
C CYS B 102 8.21 1.96 -20.34
N ALA B 103 7.44 2.30 -19.31
CA ALA B 103 8.03 2.80 -18.07
C ALA B 103 7.47 2.12 -16.84
N LEU B 104 8.38 1.85 -15.90
CA LEU B 104 8.05 1.41 -14.57
C LEU B 104 7.97 2.60 -13.64
N TYR B 105 6.98 2.59 -12.74
CA TYR B 105 7.02 3.53 -11.63
C TYR B 105 7.90 3.00 -10.49
N ALA B 106 8.69 3.89 -9.90
CA ALA B 106 9.34 3.54 -8.64
C ALA B 106 9.48 4.79 -7.79
N SER B 107 9.59 4.60 -6.47
CA SER B 107 9.72 5.76 -5.59
C SER B 107 11.07 6.39 -5.81
N SER B 108 11.13 7.73 -5.70
CA SER B 108 10.01 8.64 -5.44
C SER B 108 9.75 9.49 -6.69
N PHE B 109 8.61 9.27 -7.33
CA PHE B 109 8.22 9.99 -8.53
C PHE B 109 9.28 9.86 -9.60
N LYS B 110 9.76 8.63 -9.78
CA LYS B 110 10.64 8.26 -10.89
C LYS B 110 9.91 7.34 -11.88
N GLY B 111 10.23 7.49 -13.16
CA GLY B 111 9.85 6.54 -14.19
C GLY B 111 11.13 5.93 -14.74
N TYR B 112 11.21 4.59 -14.73
CA TYR B 112 12.39 3.85 -15.21
C TYR B 112 12.03 3.21 -16.55
N ILE B 113 12.72 3.63 -17.61
CA ILE B 113 12.46 3.10 -18.94
C ILE B 113 12.77 1.62 -18.94
N GLU B 114 11.87 0.81 -19.50
CA GLU B 114 11.98 -0.64 -19.42
C GLU B 114 11.51 -1.22 -20.75
N ASN B 115 12.10 -2.37 -21.13
CA ASN B 115 11.58 -3.18 -22.24
C ASN B 115 10.13 -3.60 -21.99
N CYS B 116 9.23 -3.30 -22.93
CA CYS B 116 7.81 -3.59 -22.70
C CYS B 116 7.55 -5.08 -22.55
N SER B 117 8.45 -5.95 -23.01
CA SER B 117 8.24 -7.38 -22.86
C SER B 117 8.67 -7.90 -21.50
N THR B 118 9.35 -7.09 -20.70
CA THR B 118 9.93 -7.62 -19.45
C THR B 118 8.83 -7.84 -18.42
N PRO B 119 8.70 -9.04 -17.84
CA PRO B 119 7.67 -9.21 -16.82
C PRO B 119 7.91 -8.34 -15.61
N ASN B 120 6.84 -7.70 -15.15
CA ASN B 120 6.91 -6.82 -14.00
C ASN B 120 5.57 -6.83 -13.27
N THR B 121 5.61 -6.51 -11.98
CA THR B 121 4.36 -6.29 -11.26
C THR B 121 3.72 -4.98 -11.78
N TYR B 122 2.49 -4.72 -11.39
CA TYR B 122 1.83 -3.56 -11.96
C TYR B 122 0.74 -3.03 -11.04
N ILE B 123 0.38 -1.77 -11.25
CA ILE B 123 -0.62 -1.09 -10.44
C ILE B 123 -1.73 -0.65 -11.36
N CYS B 124 -2.97 -1.00 -10.99
CA CYS B 124 -4.13 -0.52 -11.71
C CYS B 124 -4.76 0.63 -10.92
N MET B 125 -5.49 1.49 -11.62
CA MET B 125 -6.09 2.69 -11.02
C MET B 125 -7.40 3.03 -11.70
N GLN B 126 -8.39 3.46 -10.89
CA GLN B 126 -9.64 4.03 -11.38
C GLN B 126 -9.89 5.34 -10.65
N ARG B 127 -10.59 6.24 -11.32
CA ARG B 127 -11.05 7.48 -10.66
C ARG B 127 -12.43 7.83 -11.18
N THR B 128 -13.38 8.11 -10.29
CA THR B 128 -14.67 8.62 -10.73
C THR B 128 -14.73 10.10 -10.35
N VAL B 129 -13.79 10.86 -10.91
CA VAL B 129 -13.60 12.30 -10.67
C VAL B 129 -14.22 12.81 -9.37
C1 VN8 C . 3.06 -2.34 -2.45
C10 VN8 C . 1.98 2.49 0.19
C12 VN8 C . 2.01 2.49 -2.29
C13 VN8 C . 0.68 3.17 -2.52
C14 VN8 C . -0.50 2.57 -2.09
C15 VN8 C . -1.74 3.20 -2.30
C17 VN8 C . -1.83 4.44 -2.91
C18 VN8 C . -0.66 5.08 -3.35
C20 VN8 C . 0.58 4.43 -3.16
C22 VN8 C . 4.62 -0.90 2.06
C23 VN8 C . 2.86 -1.76 0.64
C25 VN8 C . 1.84 -1.45 -0.47
C26 VN8 C . 0.72 -2.50 -0.81
C27 VN8 C . -0.29 -2.20 0.24
C28 VN8 C . -0.58 -3.08 1.26
C29 VN8 C . -1.50 -2.74 2.26
C3 VN8 C . 3.63 -0.15 -1.84
C30 VN8 C . -2.11 -1.49 2.30
C31 VN8 C . -1.82 -0.58 1.28
C32 VN8 C . -0.96 -0.96 0.25
C5 VN8 C . 3.46 1.00 -0.89
C7 VN8 C . 3.64 0.75 0.61
C9 VN8 C . 2.49 1.51 1.25
N11 VN8 C . 2.07 1.65 -1.05
N2 VN8 C . 2.74 -1.21 -1.63
N21 VN8 C . 3.68 -0.69 1.02
O24 VN8 C . 3.00 -2.87 1.14
O4 VN8 C . 4.49 -0.10 -2.71
CL16 VN8 C . -3.20 2.43 -1.77
CL19 VN8 C . -0.85 6.64 -4.14
C1 PGE D . -4.05 -20.00 9.77
O1 PGE D . -4.94 -19.75 8.67
C2 PGE D . -3.24 -18.75 9.78
O2 PGE D . -2.91 -18.67 8.41
C3 PGE D . -1.70 -17.95 8.34
C4 PGE D . -1.39 -17.52 6.95
O4 PGE D . -4.47 -17.30 3.98
C6 PGE D . -3.04 -17.05 3.78
C5 PGE D . -2.12 -16.99 4.96
O3 PGE D . -2.54 -17.06 6.28
C1 PGE E . 9.10 14.47 -4.89
O1 PGE E . 8.95 15.93 -4.83
C2 PGE E . 10.09 13.84 -5.83
O2 PGE E . 9.75 14.13 -7.19
C3 PGE E . 10.74 13.60 -8.06
C4 PGE E . 10.44 14.07 -9.48
O4 PGE E . 10.52 18.21 -9.71
C6 PGE E . 9.79 17.58 -10.77
C5 PGE E . 10.10 16.08 -10.68
O3 PGE E . 10.23 15.48 -9.38
#